data_5DQI
#
_entry.id   5DQI
#
_cell.length_a   98.643
_cell.length_b   98.643
_cell.length_c   81.537
_cell.angle_alpha   90.00
_cell.angle_beta   90.00
_cell.angle_gamma   120.00
#
_symmetry.space_group_name_H-M   'P 61'
#
loop_
_entity.id
_entity.type
_entity.pdbx_description
1 polymer 'DNA polymerase eta'
2 polymer "DNA (5'-D(*CP*AP*TP*GP*(5EJ)P*TP*GP*AP*CP*GP*CP*T)-3')"
3 polymer "DNA (5'-D(*AP*GP*CP*GP*TP*CP*AP*AP*C)-3')"
4 non-polymer "2'-DEOXYCYTIDINE-5'-TRIPHOSPHATE"
5 non-polymer 'CALCIUM ION'
6 water water
#
loop_
_entity_poly.entity_id
_entity_poly.type
_entity_poly.pdbx_seq_one_letter_code
_entity_poly.pdbx_strand_id
1 'polypeptide(L)'
;GPHMATGQDRVVALVDMDCFFVQVEQRQNPHLRNKPCAVVQYKSWKGGGIIAVSYEARAFGVTRSMWADDAKKLCPDLLL
AQVRESRGKANLTKYREASVEVMEIMSRFAVIERASIDEAYVDLTSAVQERLQKLQGQPISADLLPSTYIEGLPQGPTTA
EETVQKEGMRKQGLFQWLDSLQIDNLTSPDLQLTVGAVIVEEMRAAIERETGFQCSAGISHNKVLAKLACGLNKPNRQTL
VSHGSVPQLFSQMPIRKIRSLGGKLGASVIEILGIEYMGELTQFTESQLQSHFGEKNGSWLYAMCRGIEHDPVKPRQLPK
TIGCSKNFPGKTALATREQVQWWLLQLAQELEERLTKDRNDNDRVATQLVVSIRVQGDKRLSSLRRCCALTRYDAHKMSH
DAFTVIKNCNTSGIQTEWSPPLTMLFLCATKFSAS
;
A
2 'polydeoxyribonucleotide' (DC)(DA)(DT)(DG)(5EJ)(DT)(DG)(DA)(DC)(DG)(DC)(DT) T
3 'polydeoxyribonucleotide' (DA)(DG)(DC)(DG)(DT)(DC)(DA)(DA)(DC) P
#
loop_
_chem_comp.id
_chem_comp.type
_chem_comp.name
_chem_comp.formula
5EJ DNA linking 1-(2-deoxy-5-O-phosphono-beta-D-erythro-pentofuranosyl)-4-ethoxy-5-methylpyrimidin-2(1H)-one 'C12 H19 N2 O8 P'
CA non-polymer 'CALCIUM ION' 'Ca 2'
DA DNA linking 2'-DEOXYADENOSINE-5'-MONOPHOSPHATE 'C10 H14 N5 O6 P'
DC DNA linking 2'-DEOXYCYTIDINE-5'-MONOPHOSPHATE 'C9 H14 N3 O7 P'
DCP non-polymer 2'-DEOXYCYTIDINE-5'-TRIPHOSPHATE 'C9 H16 N3 O13 P3'
DG DNA linking 2'-DEOXYGUANOSINE-5'-MONOPHOSPHATE 'C10 H14 N5 O7 P'
DT DNA linking THYMIDINE-5'-MONOPHOSPHATE 'C10 H15 N2 O8 P'
#
# COMPACT_ATOMS: atom_id res chain seq x y z
N ALA A 5 7.57 0.66 29.92
CA ALA A 5 7.02 -0.04 28.70
C ALA A 5 6.48 0.98 27.68
N THR A 6 7.39 1.77 27.11
CA THR A 6 7.02 3.03 26.43
C THR A 6 6.41 2.82 25.04
N GLY A 7 7.16 2.14 24.18
CA GLY A 7 6.78 2.06 22.76
C GLY A 7 6.97 3.39 22.08
N GLN A 8 7.99 4.13 22.54
CA GLN A 8 8.31 5.45 22.08
C GLN A 8 9.80 5.55 21.72
N ASP A 9 10.46 4.41 21.62
CA ASP A 9 11.86 4.34 21.17
C ASP A 9 12.00 4.86 19.74
N ARG A 10 11.15 4.41 18.83
CA ARG A 10 11.31 4.72 17.41
C ARG A 10 10.59 6.00 16.98
N VAL A 11 11.04 6.53 15.85
CA VAL A 11 10.24 7.48 15.08
C VAL A 11 10.00 6.91 13.67
N VAL A 12 8.72 6.67 13.37
CA VAL A 12 8.36 6.02 12.12
C VAL A 12 7.32 6.82 11.37
N ALA A 13 7.45 6.85 10.05
CA ALA A 13 6.50 7.55 9.20
C ALA A 13 6.00 6.67 8.07
N LEU A 14 4.75 6.88 7.65
CA LEU A 14 4.22 6.21 6.46
C LEU A 14 3.79 7.31 5.49
N VAL A 15 4.46 7.35 4.34
CA VAL A 15 4.07 8.22 3.26
C VAL A 15 3.31 7.46 2.18
N ASP A 16 2.20 8.04 1.70
CA ASP A 16 1.38 7.39 0.73
C ASP A 16 0.83 8.43 -0.25
N MET A 17 0.94 8.16 -1.55
CA MET A 17 0.60 9.16 -2.56
C MET A 17 -0.90 9.32 -2.65
N ASP A 18 -1.32 10.57 -2.83
CA ASP A 18 -2.72 10.85 -3.02
C ASP A 18 -3.20 10.32 -4.37
N CYS A 19 -4.28 9.51 -4.35
CA CYS A 19 -4.90 9.00 -5.57
C CYS A 19 -3.84 8.75 -6.69
N PHE A 20 -2.94 7.81 -6.46
CA PHE A 20 -1.68 7.76 -7.17
C PHE A 20 -1.78 7.62 -8.68
N PHE A 21 -2.49 6.58 -9.14
CA PHE A 21 -2.59 6.35 -10.59
C PHE A 21 -3.21 7.55 -11.26
N VAL A 22 -4.24 8.11 -10.66
CA VAL A 22 -4.82 9.36 -11.18
C VAL A 22 -3.74 10.45 -11.34
N GLN A 23 -3.01 10.75 -10.28
CA GLN A 23 -1.95 11.75 -10.35
C GLN A 23 -0.91 11.48 -11.48
N VAL A 24 -0.54 10.20 -11.70
CA VAL A 24 0.37 9.88 -12.78
C VAL A 24 -0.22 10.24 -14.17
N GLU A 25 -1.48 9.92 -14.37
CA GLU A 25 -2.15 10.34 -15.61
C GLU A 25 -2.35 11.85 -15.70
N GLN A 26 -2.63 12.53 -14.59
CA GLN A 26 -2.83 13.97 -14.62
C GLN A 26 -1.52 14.70 -14.92
N ARG A 27 -0.40 14.21 -14.42
CA ARG A 27 0.89 14.81 -14.79
C ARG A 27 1.12 14.75 -16.31
N GLN A 28 0.73 13.63 -16.91
CA GLN A 28 0.97 13.41 -18.33
C GLN A 28 -0.04 14.18 -19.22
N ASN A 29 -1.28 14.27 -18.78
CA ASN A 29 -2.33 14.88 -19.55
C ASN A 29 -2.96 16.01 -18.74
N PRO A 30 -2.43 17.23 -18.88
CA PRO A 30 -2.88 18.42 -18.17
C PRO A 30 -4.37 18.62 -18.14
N HIS A 31 -5.06 18.19 -19.20
CA HIS A 31 -6.53 18.28 -19.27
C HIS A 31 -7.25 17.57 -18.14
N LEU A 32 -6.60 16.59 -17.53
CA LEU A 32 -7.20 15.82 -16.44
C LEU A 32 -7.05 16.50 -15.07
N ARG A 33 -6.20 17.52 -15.03
CA ARG A 33 -5.88 18.19 -13.77
C ARG A 33 -7.08 18.88 -13.17
N ASN A 34 -7.25 18.74 -11.86
CA ASN A 34 -8.29 19.48 -11.15
C ASN A 34 -9.70 19.18 -11.63
N LYS A 35 -9.92 17.94 -12.08
CA LYS A 35 -11.19 17.54 -12.60
C LYS A 35 -11.63 16.21 -12.02
N PRO A 36 -12.95 15.98 -11.97
CA PRO A 36 -13.34 14.64 -11.59
C PRO A 36 -12.81 13.65 -12.63
N CYS A 37 -11.86 12.81 -12.22
CA CYS A 37 -11.40 11.76 -13.12
C CYS A 37 -11.06 10.47 -12.41
N ALA A 38 -10.99 9.42 -13.18
CA ALA A 38 -10.68 8.09 -12.69
C ALA A 38 -9.80 7.35 -13.67
N VAL A 39 -9.06 6.37 -13.16
CA VAL A 39 -8.27 5.52 -14.02
C VAL A 39 -9.04 4.22 -14.15
N VAL A 40 -9.19 3.76 -15.40
CA VAL A 40 -10.03 2.62 -15.71
C VAL A 40 -9.18 1.49 -16.34
N GLN A 41 -9.64 0.26 -16.13
CA GLN A 41 -8.99 -0.97 -16.62
C GLN A 41 -9.98 -1.74 -17.53
N TYR A 42 -9.63 -2.01 -18.79
CA TYR A 42 -10.45 -2.82 -19.74
C TYR A 42 -11.82 -2.23 -20.12
N LYS A 43 -11.87 -1.25 -21.01
CA LYS A 43 -13.12 -0.54 -21.35
C LYS A 43 -14.27 -1.35 -21.97
N SER A 44 -14.01 -2.57 -22.41
CA SER A 44 -15.06 -3.37 -23.04
C SER A 44 -16.20 -3.65 -22.10
N TRP A 45 -15.93 -4.39 -21.01
CA TRP A 45 -16.99 -4.82 -20.09
C TRP A 45 -17.41 -3.64 -19.21
N LYS A 46 -18.67 -3.22 -19.36
CA LYS A 46 -19.29 -2.11 -18.62
C LYS A 46 -18.44 -0.84 -18.54
N GLY A 47 -17.75 -0.51 -19.62
CA GLY A 47 -16.98 0.73 -19.68
C GLY A 47 -15.61 0.64 -19.06
N GLY A 48 -15.31 -0.48 -18.40
CA GLY A 48 -14.04 -0.68 -17.72
C GLY A 48 -14.14 -0.62 -16.20
N GLY A 49 -13.22 -1.33 -15.54
CA GLY A 49 -13.15 -1.34 -14.07
C GLY A 49 -12.31 -0.19 -13.53
N ILE A 50 -12.91 0.66 -12.70
CA ILE A 50 -12.20 1.82 -12.14
C ILE A 50 -11.29 1.41 -10.99
N ILE A 51 -10.05 1.87 -10.98
CA ILE A 51 -9.06 1.46 -9.96
C ILE A 51 -8.43 2.61 -9.14
N ALA A 52 -8.67 3.85 -9.55
CA ALA A 52 -8.22 5.00 -8.80
C ALA A 52 -9.08 6.19 -9.18
N VAL A 53 -9.31 7.06 -8.21
CA VAL A 53 -10.35 8.08 -8.27
C VAL A 53 -9.79 9.38 -7.70
N SER A 54 -9.91 10.47 -8.45
CA SER A 54 -9.50 11.77 -7.96
C SER A 54 -10.49 12.19 -6.90
N TYR A 55 -10.05 13.07 -6.01
CA TYR A 55 -10.90 13.51 -4.90
C TYR A 55 -12.12 14.31 -5.36
N GLU A 56 -11.98 15.04 -6.47
CA GLU A 56 -13.11 15.76 -7.03
C GLU A 56 -14.23 14.77 -7.39
N ALA A 57 -13.88 13.67 -8.07
CA ALA A 57 -14.85 12.65 -8.42
C ALA A 57 -15.43 11.91 -7.19
N ARG A 58 -14.61 11.75 -6.15
CA ARG A 58 -15.05 11.12 -4.90
C ARG A 58 -16.23 11.86 -4.26
N ALA A 59 -16.23 13.19 -4.37
CA ALA A 59 -17.31 14.05 -3.93
C ALA A 59 -18.61 13.81 -4.67
N PHE A 60 -18.57 13.11 -5.79
CA PHE A 60 -19.78 12.64 -6.48
C PHE A 60 -20.17 11.22 -6.03
N GLY A 61 -19.30 10.54 -5.29
CA GLY A 61 -19.58 9.17 -4.83
C GLY A 61 -18.93 8.08 -5.68
N VAL A 62 -17.95 8.45 -6.52
CA VAL A 62 -17.33 7.49 -7.41
C VAL A 62 -16.23 6.80 -6.65
N THR A 63 -16.23 5.46 -6.73
CA THR A 63 -15.28 4.64 -5.99
C THR A 63 -14.52 3.69 -6.88
N ARG A 64 -13.44 3.17 -6.31
CA ARG A 64 -12.76 1.99 -6.82
C ARG A 64 -13.74 0.81 -7.00
N SER A 65 -13.39 -0.13 -7.90
CA SER A 65 -14.19 -1.34 -8.21
C SER A 65 -15.50 -1.05 -8.95
N MET A 66 -15.99 0.17 -8.83
CA MET A 66 -17.14 0.64 -9.57
C MET A 66 -16.91 0.54 -11.08
N TRP A 67 -17.92 0.11 -11.83
CA TRP A 67 -17.83 0.08 -13.30
C TRP A 67 -17.91 1.48 -13.86
N ALA A 68 -17.05 1.79 -14.84
CA ALA A 68 -16.97 3.14 -15.35
C ALA A 68 -18.33 3.63 -15.81
N ASP A 69 -19.09 2.78 -16.49
CA ASP A 69 -20.46 3.12 -16.89
C ASP A 69 -21.37 3.49 -15.72
N ASP A 70 -21.21 2.79 -14.61
CA ASP A 70 -21.96 3.08 -13.41
C ASP A 70 -21.47 4.38 -12.73
N ALA A 71 -20.16 4.60 -12.77
CA ALA A 71 -19.56 5.80 -12.24
C ALA A 71 -20.06 7.08 -12.94
N LYS A 72 -20.28 6.97 -14.24
CA LYS A 72 -20.76 8.09 -15.06
C LYS A 72 -22.19 8.50 -14.72
N LYS A 73 -22.96 7.58 -14.16
CA LYS A 73 -24.30 7.91 -13.70
C LYS A 73 -24.28 8.81 -12.47
N LEU A 74 -23.32 8.60 -11.58
CA LEU A 74 -23.17 9.48 -10.44
C LEU A 74 -22.52 10.77 -10.94
N CYS A 75 -21.64 10.62 -11.94
CA CYS A 75 -20.74 11.70 -12.32
C CYS A 75 -20.58 11.80 -13.83
N PRO A 76 -21.52 12.49 -14.49
CA PRO A 76 -21.59 12.76 -15.93
C PRO A 76 -20.30 13.36 -16.55
N ASP A 77 -19.66 14.28 -15.84
CA ASP A 77 -18.41 14.91 -16.31
C ASP A 77 -17.17 14.05 -16.17
N LEU A 78 -17.25 12.93 -15.45
CA LEU A 78 -16.08 12.12 -15.13
C LEU A 78 -15.17 11.86 -16.35
N LEU A 79 -13.92 12.32 -16.25
CA LEU A 79 -12.92 12.06 -17.28
C LEU A 79 -12.19 10.73 -16.97
N LEU A 80 -11.89 9.94 -18.01
CA LEU A 80 -11.24 8.66 -17.83
C LEU A 80 -9.93 8.54 -18.59
N ALA A 81 -8.90 8.09 -17.87
CA ALA A 81 -7.65 7.68 -18.43
C ALA A 81 -7.60 6.16 -18.36
N GLN A 82 -7.01 5.55 -19.38
CA GLN A 82 -7.03 4.11 -19.54
C GLN A 82 -5.69 3.48 -19.31
N VAL A 83 -5.73 2.32 -18.67
CA VAL A 83 -4.51 1.62 -18.35
C VAL A 83 -3.95 1.06 -19.67
N ARG A 84 -2.63 1.11 -19.81
CA ARG A 84 -1.99 0.58 -21.00
C ARG A 84 -2.23 -0.93 -21.07
N GLU A 85 -2.52 -1.40 -22.27
CA GLU A 85 -2.65 -2.80 -22.53
C GLU A 85 -1.59 -3.28 -23.45
N SER A 86 -0.72 -4.13 -22.96
CA SER A 86 0.18 -4.92 -23.78
C SER A 86 -0.24 -6.37 -23.77
N ARG A 87 0.00 -7.04 -24.90
CA ARG A 87 -0.22 -8.47 -25.08
C ARG A 87 -1.56 -8.98 -24.58
N GLY A 88 -2.61 -8.20 -24.75
CA GLY A 88 -3.94 -8.59 -24.33
C GLY A 88 -4.19 -8.42 -22.85
N LYS A 89 -3.29 -7.73 -22.16
CA LYS A 89 -3.38 -7.65 -20.71
C LYS A 89 -3.10 -6.23 -20.22
N ALA A 90 -3.69 -5.88 -19.06
CA ALA A 90 -3.35 -4.61 -18.42
C ALA A 90 -1.89 -4.57 -18.01
N ASN A 91 -1.17 -3.53 -18.45
CA ASN A 91 0.23 -3.34 -18.09
C ASN A 91 0.38 -2.10 -17.22
N LEU A 92 1.23 -2.22 -16.20
CA LEU A 92 1.32 -1.20 -15.16
C LEU A 92 2.65 -0.46 -15.14
N THR A 93 3.49 -0.71 -16.13
CA THR A 93 4.83 -0.15 -16.21
C THR A 93 4.95 1.31 -15.86
N LYS A 94 4.04 2.14 -16.34
CA LYS A 94 4.10 3.59 -16.10
C LYS A 94 4.01 3.97 -14.63
N TYR A 95 3.17 3.28 -13.87
CA TYR A 95 2.98 3.54 -12.47
C TYR A 95 4.14 2.96 -11.65
N ARG A 96 4.58 1.75 -11.98
CA ARG A 96 5.78 1.17 -11.39
C ARG A 96 7.00 2.09 -11.54
N GLU A 97 7.11 2.72 -12.69
CA GLU A 97 8.20 3.67 -12.95
C GLU A 97 7.98 4.97 -12.22
N ALA A 98 6.74 5.40 -12.10
CA ALA A 98 6.47 6.58 -11.28
C ALA A 98 6.76 6.28 -9.81
N SER A 99 6.45 5.07 -9.40
CA SER A 99 6.75 4.61 -8.02
C SER A 99 8.22 4.72 -7.67
N VAL A 100 9.13 4.24 -8.54
CA VAL A 100 10.53 4.30 -8.15
C VAL A 100 11.07 5.74 -8.12
N GLU A 101 10.45 6.62 -8.91
CA GLU A 101 10.75 8.04 -8.84
C GLU A 101 10.56 8.54 -7.38
N VAL A 102 9.42 8.21 -6.79
CA VAL A 102 9.14 8.62 -5.41
C VAL A 102 10.02 7.87 -4.42
N MET A 103 10.04 6.55 -4.54
CA MET A 103 10.87 5.72 -3.67
C MET A 103 12.35 6.17 -3.65
N GLU A 104 12.88 6.62 -4.77
CA GLU A 104 14.30 7.02 -4.81
C GLU A 104 14.55 8.30 -4.00
N ILE A 105 13.70 9.28 -4.21
CA ILE A 105 13.78 10.57 -3.50
C ILE A 105 13.70 10.36 -2.01
N MET A 106 12.67 9.66 -1.66
CA MET A 106 12.38 9.27 -0.30
C MET A 106 13.57 8.54 0.36
N SER A 107 14.31 7.73 -0.39
CA SER A 107 15.52 7.05 0.12
C SER A 107 16.67 7.97 0.53
N ARG A 108 16.66 9.19 -0.02
CA ARG A 108 17.70 10.19 0.24
C ARG A 108 17.71 10.65 1.69
N PHE A 109 16.62 10.46 2.39
CA PHE A 109 16.47 10.91 3.78
C PHE A 109 16.78 9.81 4.76
N ALA A 110 16.26 8.64 4.50
CA ALA A 110 16.43 7.51 5.40
C ALA A 110 16.22 6.23 4.60
N VAL A 111 16.32 5.11 5.30
CA VAL A 111 16.09 3.82 4.69
C VAL A 111 14.61 3.54 4.77
N ILE A 112 14.05 3.04 3.68
CA ILE A 112 12.60 2.88 3.56
C ILE A 112 12.27 1.44 3.40
N GLU A 113 11.02 1.11 3.72
CA GLU A 113 10.44 -0.19 3.37
C GLU A 113 9.27 0.07 2.44
N ARG A 114 9.39 -0.43 1.21
CA ARG A 114 8.34 -0.32 0.21
C ARG A 114 7.17 -1.15 0.68
N ALA A 115 6.09 -0.49 1.04
CA ALA A 115 4.91 -1.20 1.51
C ALA A 115 4.00 -1.53 0.34
N SER A 116 4.01 -0.67 -0.67
CA SER A 116 3.27 -0.93 -1.89
C SER A 116 3.81 -0.11 -3.03
N ILE A 117 3.11 -0.12 -4.17
CA ILE A 117 3.50 0.66 -5.32
C ILE A 117 3.48 2.13 -4.97
N ASP A 118 2.79 2.42 -3.88
CA ASP A 118 2.29 3.75 -3.56
C ASP A 118 2.79 4.34 -2.25
N GLU A 119 3.31 3.51 -1.35
CA GLU A 119 3.61 3.94 -0.03
C GLU A 119 4.83 3.19 0.51
N ALA A 120 5.42 3.81 1.53
CA ALA A 120 6.62 3.33 2.13
C ALA A 120 6.75 3.84 3.57
N TYR A 121 7.24 2.97 4.44
CA TYR A 121 7.49 3.35 5.82
C TYR A 121 8.91 3.83 5.93
N VAL A 122 9.13 4.73 6.90
CA VAL A 122 10.46 5.27 7.14
C VAL A 122 10.78 5.21 8.60
N ASP A 123 11.95 4.65 8.94
CA ASP A 123 12.46 4.83 10.30
C ASP A 123 13.27 6.10 10.36
N LEU A 124 12.70 7.11 11.00
CA LEU A 124 13.33 8.42 11.15
C LEU A 124 14.12 8.60 12.43
N THR A 125 14.18 7.59 13.28
CA THR A 125 14.83 7.74 14.59
C THR A 125 16.24 8.35 14.52
N SER A 126 17.13 7.74 13.75
CA SER A 126 18.53 8.22 13.63
C SER A 126 18.62 9.58 13.05
N ALA A 127 17.85 9.85 12.01
CA ALA A 127 17.88 11.18 11.37
C ALA A 127 17.35 12.25 12.32
N VAL A 128 16.41 11.87 13.18
CA VAL A 128 15.89 12.77 14.21
C VAL A 128 16.97 13.10 15.25
N GLN A 129 17.69 12.08 15.71
CA GLN A 129 18.78 12.28 16.70
C GLN A 129 19.79 13.30 16.21
N GLU A 130 20.11 13.25 14.91
CA GLU A 130 21.13 14.11 14.33
C GLU A 130 20.66 15.56 14.18
N ARG A 131 19.42 15.75 13.74
CA ARG A 131 18.90 17.10 13.52
C ARG A 131 18.76 17.94 14.81
N LEU A 132 18.52 17.27 15.95
CA LEU A 132 18.48 17.94 17.26
C LEU A 132 19.81 18.64 17.59
N GLN A 133 20.92 18.05 17.16
CA GLN A 133 22.25 18.53 17.50
C GLN A 133 22.64 19.79 16.72
N LYS A 134 21.81 20.22 15.78
CA LYS A 134 21.96 21.53 15.18
C LYS A 134 21.05 22.50 15.91
N LEU A 135 19.87 22.01 16.29
CA LEU A 135 18.91 22.81 17.02
C LEU A 135 19.18 22.69 18.52
N GLN A 136 20.41 23.05 18.91
CA GLN A 136 20.82 23.09 20.31
C GLN A 136 20.62 24.49 20.84
N GLY A 137 19.63 24.73 21.70
CA GLY A 137 18.54 23.81 21.99
C GLY A 137 17.31 24.49 21.43
N GLN A 138 17.47 25.06 20.24
CA GLN A 138 16.50 25.95 19.62
C GLN A 138 15.13 25.26 19.42
N PRO A 139 14.04 26.03 19.58
CA PRO A 139 12.65 25.57 19.41
C PRO A 139 12.30 25.08 18.00
N ILE A 140 11.01 25.01 17.73
CA ILE A 140 10.51 24.68 16.42
C ILE A 140 9.38 25.59 16.01
N SER A 141 9.60 26.30 14.92
CA SER A 141 8.59 27.21 14.39
C SER A 141 7.44 26.45 13.72
N ALA A 142 6.23 26.93 13.93
CA ALA A 142 5.09 26.47 13.18
C ALA A 142 5.36 26.56 11.68
N ASP A 143 6.12 27.56 11.29
CA ASP A 143 6.56 27.74 9.92
C ASP A 143 7.23 26.49 9.37
N LEU A 144 7.88 25.69 10.22
CA LEU A 144 8.52 24.47 9.75
C LEU A 144 7.55 23.31 9.55
N LEU A 145 6.29 23.51 9.90
CA LEU A 145 5.28 22.46 9.84
C LEU A 145 4.01 22.93 9.14
N PRO A 146 4.16 23.42 7.90
CA PRO A 146 3.02 24.08 7.26
C PRO A 146 1.83 23.18 6.91
N SER A 147 2.01 21.86 6.91
CA SER A 147 0.90 20.96 6.50
C SER A 147 0.64 19.85 7.51
N THR A 148 1.08 20.08 8.75
CA THR A 148 1.00 19.10 9.81
C THR A 148 -0.23 19.33 10.71
N TYR A 149 -1.01 18.25 10.91
CA TYR A 149 -2.08 18.18 11.91
C TYR A 149 -1.59 17.45 13.15
N ILE A 150 -1.99 17.94 14.34
CA ILE A 150 -1.68 17.24 15.58
C ILE A 150 -2.93 16.56 16.05
N GLU A 151 -2.96 15.24 15.93
CA GLU A 151 -4.16 14.53 16.30
C GLU A 151 -4.53 14.76 17.79
N GLY A 152 -5.81 15.10 18.01
CA GLY A 152 -6.39 15.35 19.32
C GLY A 152 -6.42 16.84 19.66
N LEU A 153 -5.59 17.65 18.97
CA LEU A 153 -5.53 19.08 19.16
C LEU A 153 -6.30 19.80 18.04
N PRO A 154 -6.91 20.96 18.37
CA PRO A 154 -6.91 21.61 19.67
C PRO A 154 -7.96 21.06 20.61
N GLN A 155 -7.76 21.36 21.88
CA GLN A 155 -8.70 20.98 22.91
C GLN A 155 -8.81 22.13 23.90
N GLY A 156 -9.70 21.98 24.90
CA GLY A 156 -9.84 22.95 25.99
C GLY A 156 -10.93 23.97 25.75
N VAL A 164 -11.27 29.23 13.29
CA VAL A 164 -12.67 28.83 13.49
C VAL A 164 -13.16 28.05 12.26
N GLN A 165 -12.36 28.03 11.19
CA GLN A 165 -12.62 27.11 10.08
C GLN A 165 -11.38 26.44 9.45
N LYS A 166 -11.55 25.15 9.16
CA LYS A 166 -10.52 24.14 8.88
C LYS A 166 -9.05 24.48 9.04
N GLU A 167 -8.49 25.27 8.14
CA GLU A 167 -7.11 25.69 8.30
C GLU A 167 -6.92 26.49 9.58
N GLY A 168 -7.98 27.18 9.99
CA GLY A 168 -7.98 27.86 11.27
C GLY A 168 -7.65 26.89 12.38
N MET A 169 -8.45 25.85 12.48
CA MET A 169 -8.30 24.86 13.55
C MET A 169 -6.97 24.09 13.55
N ARG A 170 -6.46 23.73 12.38
CA ARG A 170 -5.16 23.06 12.25
C ARG A 170 -4.11 23.86 12.97
N LYS A 171 -4.07 25.14 12.61
CA LYS A 171 -3.17 26.13 13.19
C LYS A 171 -3.19 26.13 14.73
N GLN A 172 -4.36 26.15 15.34
CA GLN A 172 -4.42 26.29 16.81
C GLN A 172 -3.92 25.02 17.48
N GLY A 173 -4.30 23.86 16.93
CA GLY A 173 -3.78 22.59 17.41
C GLY A 173 -2.25 22.55 17.42
N LEU A 174 -1.63 23.01 16.35
CA LEU A 174 -0.18 23.02 16.23
C LEU A 174 0.48 23.92 17.26
N PHE A 175 -0.16 25.07 17.51
CA PHE A 175 0.34 26.00 18.51
C PHE A 175 0.27 25.46 19.95
N GLN A 176 -0.84 24.81 20.30
CA GLN A 176 -0.97 24.20 21.62
C GLN A 176 0.10 23.14 21.77
N TRP A 177 0.41 22.46 20.68
CA TRP A 177 1.41 21.37 20.73
C TRP A 177 2.82 21.92 20.91
N LEU A 178 3.18 22.94 20.13
CA LEU A 178 4.52 23.54 20.19
C LEU A 178 4.77 24.26 21.52
N ASP A 179 3.77 24.97 22.02
CA ASP A 179 3.85 25.55 23.36
C ASP A 179 4.09 24.54 24.49
N SER A 180 3.44 23.38 24.44
CA SER A 180 3.61 22.43 25.54
C SER A 180 4.85 21.57 25.41
N LEU A 181 5.71 21.91 24.46
CA LEU A 181 6.79 21.03 24.06
C LEU A 181 8.08 21.28 24.87
N GLN A 182 8.65 20.19 25.40
CA GLN A 182 9.87 20.23 26.20
C GLN A 182 11.12 20.23 25.31
N ILE A 183 11.58 21.41 24.92
CA ILE A 183 12.61 21.55 23.87
C ILE A 183 14.07 21.23 24.31
N ASP A 184 14.49 21.67 25.48
CA ASP A 184 15.89 21.43 25.91
C ASP A 184 16.15 19.97 26.32
N ASN A 185 15.11 19.15 26.43
CA ASN A 185 15.27 17.70 26.62
C ASN A 185 15.30 16.97 25.27
N LEU A 186 16.37 16.23 25.00
CA LEU A 186 16.58 15.58 23.69
C LEU A 186 16.17 14.10 23.66
N THR A 187 15.51 13.63 24.71
CA THR A 187 14.99 12.27 24.75
C THR A 187 13.49 12.31 24.93
N SER A 188 12.90 13.51 24.87
CA SER A 188 11.46 13.65 24.87
C SER A 188 10.81 13.01 23.59
N PRO A 189 10.07 11.91 23.76
CA PRO A 189 9.37 11.29 22.66
C PRO A 189 8.54 12.24 21.81
N ASP A 190 7.82 13.15 22.46
CA ASP A 190 6.99 14.07 21.73
C ASP A 190 7.81 15.04 20.88
N LEU A 191 8.97 15.44 21.38
CA LEU A 191 9.83 16.33 20.65
C LEU A 191 10.37 15.64 19.39
N GLN A 192 10.70 14.39 19.54
CA GLN A 192 11.22 13.58 18.45
C GLN A 192 10.18 13.48 17.33
N LEU A 193 8.95 13.13 17.68
CA LEU A 193 7.85 13.09 16.73
C LEU A 193 7.70 14.40 15.96
N THR A 194 7.85 15.51 16.66
CA THR A 194 7.84 16.82 16.05
C THR A 194 9.01 16.97 15.06
N VAL A 195 10.17 16.43 15.41
CA VAL A 195 11.32 16.56 14.54
C VAL A 195 11.12 15.70 13.32
N GLY A 196 10.63 14.48 13.52
CA GLY A 196 10.26 13.64 12.38
C GLY A 196 9.28 14.34 11.44
N ALA A 197 8.32 15.05 12.03
CA ALA A 197 7.30 15.74 11.24
C ALA A 197 7.86 16.83 10.35
N VAL A 198 8.89 17.50 10.84
CA VAL A 198 9.52 18.57 10.08
C VAL A 198 10.29 17.95 8.89
N ILE A 199 11.10 16.95 9.21
CA ILE A 199 11.74 16.12 8.18
C ILE A 199 10.75 15.64 7.11
N VAL A 200 9.58 15.16 7.55
CA VAL A 200 8.59 14.65 6.62
C VAL A 200 7.97 15.76 5.77
N GLU A 201 7.78 16.94 6.35
CA GLU A 201 7.40 18.14 5.58
C GLU A 201 8.37 18.33 4.41
N GLU A 202 9.64 18.15 4.70
CA GLU A 202 10.73 18.38 3.75
C GLU A 202 10.79 17.32 2.68
N MET A 203 10.63 16.06 3.06
CA MET A 203 10.63 15.01 2.06
C MET A 203 9.38 15.05 1.18
N ARG A 204 8.26 15.46 1.74
CA ARG A 204 7.06 15.69 0.93
C ARG A 204 7.20 16.88 -0.01
N ALA A 205 7.90 17.91 0.44
CA ALA A 205 8.19 19.04 -0.44
C ALA A 205 9.19 18.66 -1.54
N ALA A 206 10.10 17.75 -1.21
CA ALA A 206 11.05 17.24 -2.21
C ALA A 206 10.29 16.42 -3.29
N ILE A 207 9.34 15.59 -2.85
CA ILE A 207 8.55 14.77 -3.77
C ILE A 207 7.70 15.61 -4.71
N GLU A 208 7.02 16.60 -4.17
CA GLU A 208 6.14 17.39 -5.02
C GLU A 208 7.00 18.21 -5.95
N ARG A 209 8.11 18.74 -5.44
CA ARG A 209 9.00 19.56 -6.29
C ARG A 209 9.51 18.71 -7.46
N GLU A 210 10.06 17.54 -7.16
CA GLU A 210 10.82 16.80 -8.15
C GLU A 210 9.99 15.82 -8.98
N THR A 211 8.73 15.62 -8.61
CA THR A 211 7.87 14.80 -9.39
C THR A 211 6.55 15.40 -9.75
N GLY A 212 6.14 16.46 -9.07
CA GLY A 212 4.77 16.96 -9.20
C GLY A 212 3.67 16.19 -8.48
N PHE A 213 4.02 15.14 -7.72
CA PHE A 213 2.98 14.35 -7.06
C PHE A 213 2.79 14.85 -5.63
N GLN A 214 1.54 14.83 -5.16
CA GLN A 214 1.21 15.07 -3.77
C GLN A 214 0.92 13.79 -3.01
N CYS A 215 1.24 13.82 -1.72
CA CYS A 215 1.00 12.73 -0.82
C CYS A 215 0.63 13.22 0.57
N SER A 216 0.18 12.26 1.36
CA SER A 216 -0.05 12.44 2.77
C SER A 216 0.97 11.61 3.52
N ALA A 217 1.18 11.94 4.79
CA ALA A 217 2.05 11.16 5.64
C ALA A 217 1.52 11.04 7.05
N GLY A 218 1.88 9.96 7.71
CA GLY A 218 1.56 9.76 9.09
C GLY A 218 2.89 9.70 9.81
N ILE A 219 2.99 10.40 10.95
CA ILE A 219 4.19 10.38 11.77
C ILE A 219 3.83 9.87 13.14
N SER A 220 4.43 8.76 13.57
CA SER A 220 4.29 8.27 14.93
C SER A 220 5.47 7.40 15.41
N HIS A 221 5.20 6.53 16.38
CA HIS A 221 6.26 5.70 17.02
C HIS A 221 6.37 4.29 16.46
N ASN A 222 5.44 3.89 15.61
CA ASN A 222 5.44 2.60 14.99
C ASN A 222 4.63 2.60 13.67
N LYS A 223 4.70 1.48 12.96
CA LYS A 223 4.15 1.37 11.61
C LYS A 223 2.64 1.51 11.58
N VAL A 224 1.97 0.87 12.51
CA VAL A 224 0.51 0.88 12.51
C VAL A 224 -0.03 2.28 12.79
N LEU A 225 0.55 2.94 13.77
CA LEU A 225 0.10 4.29 14.08
C LEU A 225 0.40 5.23 12.93
N ALA A 226 1.60 5.12 12.39
CA ALA A 226 1.97 5.91 11.26
C ALA A 226 0.93 5.79 10.15
N LYS A 227 0.56 4.56 9.86
CA LYS A 227 -0.36 4.27 8.76
C LYS A 227 -1.76 4.83 9.04
N LEU A 228 -2.25 4.60 10.24
CA LEU A 228 -3.56 5.08 10.61
C LEU A 228 -3.55 6.61 10.64
N ALA A 229 -2.46 7.19 11.13
CA ALA A 229 -2.29 8.65 11.14
C ALA A 229 -2.34 9.26 9.74
N CYS A 230 -1.76 8.55 8.78
CA CYS A 230 -1.66 9.03 7.39
C CYS A 230 -3.02 9.29 6.73
N GLY A 231 -4.00 8.45 7.02
CA GLY A 231 -5.29 8.62 6.42
C GLY A 231 -6.19 9.63 7.12
N LEU A 232 -5.73 10.23 8.21
CA LEU A 232 -6.63 11.05 9.02
C LEU A 232 -6.84 12.40 8.35
N ASN A 233 -5.81 12.91 7.67
CA ASN A 233 -5.93 14.19 6.96
C ASN A 233 -5.38 14.03 5.57
N LYS A 234 -6.26 13.62 4.69
CA LYS A 234 -5.91 13.32 3.34
C LYS A 234 -6.83 14.19 2.54
N PRO A 235 -6.36 14.75 1.43
CA PRO A 235 -5.04 14.65 0.82
C PRO A 235 -4.12 15.81 1.11
N ASN A 236 -2.88 15.68 0.63
CA ASN A 236 -1.88 16.73 0.70
C ASN A 236 -1.61 17.28 2.09
N ARG A 237 -1.69 16.40 3.09
CA ARG A 237 -1.52 16.76 4.50
C ARG A 237 -0.82 15.64 5.30
N GLN A 238 -0.15 16.00 6.40
CA GLN A 238 0.47 15.01 7.28
C GLN A 238 0.00 15.12 8.71
N THR A 239 0.01 14.01 9.43
CA THR A 239 -0.60 13.98 10.74
C THR A 239 0.35 13.31 11.72
N LEU A 240 0.57 13.99 12.85
CA LEU A 240 1.34 13.47 13.97
C LEU A 240 0.38 12.84 14.95
N VAL A 241 0.62 11.57 15.26
CA VAL A 241 -0.15 10.86 16.27
C VAL A 241 0.81 10.49 17.35
N SER A 242 0.68 11.14 18.51
CA SER A 242 1.61 10.92 19.61
C SER A 242 1.07 9.85 20.52
N HIS A 243 1.97 9.33 21.36
CA HIS A 243 1.59 8.33 22.36
C HIS A 243 0.36 8.82 23.17
N GLY A 244 0.43 10.06 23.68
CA GLY A 244 -0.65 10.63 24.47
C GLY A 244 -2.02 10.64 23.80
N SER A 245 -2.05 10.82 22.49
CA SER A 245 -3.33 10.92 21.76
C SER A 245 -4.05 9.60 21.58
N VAL A 246 -3.38 8.50 21.85
CA VAL A 246 -3.88 7.17 21.50
C VAL A 246 -5.16 6.75 22.26
N PRO A 247 -5.21 6.98 23.58
CA PRO A 247 -6.46 6.58 24.24
C PRO A 247 -7.72 7.23 23.66
N GLN A 248 -7.69 8.52 23.34
CA GLN A 248 -8.86 9.18 22.75
C GLN A 248 -9.17 8.71 21.34
N LEU A 249 -8.17 8.75 20.45
CA LEU A 249 -8.32 8.24 19.10
C LEU A 249 -8.89 6.84 19.07
N PHE A 250 -8.27 5.94 19.83
CA PHE A 250 -8.72 4.57 19.83
C PHE A 250 -10.07 4.31 20.43
N SER A 251 -10.57 5.26 21.23
CA SER A 251 -11.77 4.99 22.00
C SER A 251 -13.02 4.98 21.11
N GLN A 252 -12.94 5.59 19.94
CA GLN A 252 -14.03 5.51 18.98
C GLN A 252 -13.55 5.00 17.63
N MET A 253 -12.42 4.31 17.65
CA MET A 253 -11.78 3.89 16.43
C MET A 253 -12.28 2.48 16.11
N PRO A 254 -13.09 2.32 15.03
CA PRO A 254 -13.54 0.98 14.69
C PRO A 254 -12.31 0.09 14.48
N ILE A 255 -12.38 -1.09 15.06
CA ILE A 255 -11.28 -2.02 15.05
C ILE A 255 -10.80 -2.36 13.64
N ARG A 256 -11.75 -2.46 12.69
CA ARG A 256 -11.45 -2.78 11.30
C ARG A 256 -10.43 -1.85 10.65
N LYS A 257 -10.18 -0.70 11.26
CA LYS A 257 -9.39 0.33 10.62
C LYS A 257 -7.90 0.17 10.81
N ILE A 258 -7.51 -0.63 11.80
CA ILE A 258 -6.12 -0.89 12.11
C ILE A 258 -5.63 -1.99 11.16
N ARG A 259 -4.44 -1.79 10.63
CA ARG A 259 -3.83 -2.71 9.67
C ARG A 259 -3.69 -4.08 10.30
N SER A 260 -4.22 -5.11 9.61
CA SER A 260 -4.26 -6.53 10.03
C SER A 260 -5.62 -6.96 10.50
N LEU A 261 -6.42 -5.99 10.93
CA LEU A 261 -7.67 -6.31 11.63
C LEU A 261 -8.87 -5.99 10.76
N GLY A 262 -8.62 -5.63 9.50
CA GLY A 262 -9.68 -5.35 8.56
C GLY A 262 -10.30 -6.58 7.90
N GLY A 263 -9.82 -7.79 8.21
CA GLY A 263 -10.39 -9.02 7.69
C GLY A 263 -11.07 -9.86 8.75
N LYS A 264 -10.86 -11.17 8.68
CA LYS A 264 -11.50 -12.17 9.57
C LYS A 264 -11.05 -12.19 11.04
N LEU A 265 -9.74 -12.12 11.29
CA LEU A 265 -9.21 -11.96 12.65
C LEU A 265 -9.84 -10.77 13.40
N GLY A 266 -9.92 -9.63 12.73
CA GLY A 266 -10.55 -8.46 13.31
C GLY A 266 -12.02 -8.68 13.52
N ALA A 267 -12.64 -9.38 12.58
CA ALA A 267 -14.07 -9.67 12.65
C ALA A 267 -14.39 -10.60 13.81
N SER A 268 -13.45 -11.44 14.21
CA SER A 268 -13.68 -12.30 15.37
C SER A 268 -13.12 -11.74 16.66
N VAL A 269 -12.32 -10.66 16.59
CA VAL A 269 -12.05 -9.89 17.79
C VAL A 269 -13.38 -9.30 18.27
N ILE A 270 -14.11 -8.74 17.34
CA ILE A 270 -15.42 -8.16 17.57
C ILE A 270 -16.39 -9.21 18.05
N GLU A 271 -16.48 -10.31 17.30
CA GLU A 271 -17.30 -11.49 17.62
C GLU A 271 -17.13 -12.01 19.05
N ILE A 272 -15.92 -12.48 19.34
CA ILE A 272 -15.60 -13.21 20.54
C ILE A 272 -15.62 -12.33 21.77
N LEU A 273 -15.23 -11.06 21.63
CA LEU A 273 -15.11 -10.17 22.76
C LEU A 273 -16.32 -9.28 22.95
N GLY A 274 -17.16 -9.16 21.93
CA GLY A 274 -18.32 -8.29 22.04
C GLY A 274 -17.97 -6.81 22.17
N ILE A 275 -16.91 -6.39 21.47
CA ILE A 275 -16.45 -4.97 21.46
C ILE A 275 -16.51 -4.42 20.04
N GLU A 276 -16.28 -3.12 19.90
CA GLU A 276 -16.26 -2.44 18.60
C GLU A 276 -15.03 -1.56 18.33
N TYR A 277 -14.37 -1.04 19.35
CA TYR A 277 -13.30 -0.08 19.16
C TYR A 277 -12.00 -0.57 19.75
N MET A 278 -10.90 -0.09 19.19
CA MET A 278 -9.58 -0.59 19.61
C MET A 278 -9.26 -0.44 21.11
N GLY A 279 -9.72 0.65 21.73
CA GLY A 279 -9.46 0.92 23.14
C GLY A 279 -10.05 -0.12 24.09
N GLU A 280 -11.16 -0.74 23.68
CA GLU A 280 -11.81 -1.77 24.46
C GLU A 280 -10.90 -3.00 24.67
N LEU A 281 -9.89 -3.13 23.83
CA LEU A 281 -8.90 -4.21 24.05
C LEU A 281 -8.07 -4.16 25.34
N THR A 282 -7.97 -2.97 25.92
CA THR A 282 -7.13 -2.72 27.12
C THR A 282 -7.62 -3.42 28.39
N GLN A 283 -8.93 -3.64 28.47
CA GLN A 283 -9.54 -4.34 29.58
C GLN A 283 -8.90 -5.71 29.78
N PHE A 284 -8.52 -6.33 28.67
CA PHE A 284 -8.13 -7.73 28.66
C PHE A 284 -6.64 -7.92 29.00
N THR A 285 -6.36 -9.05 29.64
CA THR A 285 -5.00 -9.43 29.97
C THR A 285 -4.37 -10.02 28.71
N GLU A 286 -3.04 -10.01 28.69
CA GLU A 286 -2.27 -10.57 27.59
C GLU A 286 -2.53 -12.06 27.41
N SER A 287 -2.65 -12.78 28.51
CA SER A 287 -2.98 -14.19 28.51
C SER A 287 -4.39 -14.45 27.99
N GLN A 288 -5.37 -13.62 28.38
CA GLN A 288 -6.71 -13.70 27.84
C GLN A 288 -6.64 -13.60 26.31
N LEU A 289 -5.95 -12.58 25.80
CA LEU A 289 -5.93 -12.39 24.34
C LEU A 289 -5.18 -13.50 23.64
N GLN A 290 -4.17 -14.07 24.32
CA GLN A 290 -3.39 -15.14 23.76
C GLN A 290 -4.23 -16.40 23.63
N SER A 291 -5.04 -16.66 24.64
CA SER A 291 -5.91 -17.82 24.62
C SER A 291 -6.94 -17.69 23.52
N HIS A 292 -7.35 -16.47 23.24
CA HIS A 292 -8.38 -16.22 22.23
C HIS A 292 -7.87 -16.23 20.79
N PHE A 293 -6.69 -15.66 20.58
CA PHE A 293 -6.22 -15.42 19.22
C PHE A 293 -4.86 -15.98 18.93
N GLY A 294 -4.25 -16.66 19.89
CA GLY A 294 -2.92 -17.21 19.65
C GLY A 294 -1.88 -16.43 20.37
N GLU A 295 -0.68 -16.98 20.50
CA GLU A 295 0.35 -16.33 21.28
C GLU A 295 0.87 -15.07 20.62
N LYS A 296 1.05 -15.12 19.31
CA LYS A 296 1.54 -13.99 18.55
C LYS A 296 0.49 -12.89 18.49
N ASN A 297 -0.74 -13.27 18.15
CA ASN A 297 -1.88 -12.35 18.06
C ASN A 297 -2.32 -11.79 19.41
N GLY A 298 -2.12 -12.54 20.47
CA GLY A 298 -2.50 -12.06 21.80
C GLY A 298 -1.55 -10.97 22.25
N SER A 299 -0.25 -11.29 22.23
CA SER A 299 0.80 -10.32 22.52
C SER A 299 0.70 -9.09 21.60
N TRP A 300 0.47 -9.31 20.33
CA TRP A 300 0.40 -8.22 19.37
C TRP A 300 -0.74 -7.22 19.65
N LEU A 301 -1.92 -7.74 19.99
CA LEU A 301 -3.08 -6.92 20.29
C LEU A 301 -2.97 -6.20 21.63
N TYR A 302 -2.38 -6.89 22.61
CA TYR A 302 -2.25 -6.35 23.97
C TYR A 302 -1.45 -5.06 23.89
N ALA A 303 -0.29 -5.12 23.25
CA ALA A 303 0.51 -3.95 23.03
C ALA A 303 -0.15 -2.90 22.10
N MET A 304 -0.82 -3.37 21.07
CA MET A 304 -1.29 -2.49 20.00
C MET A 304 -2.40 -1.61 20.52
N CYS A 305 -3.32 -2.15 21.30
CA CYS A 305 -4.44 -1.33 21.82
C CYS A 305 -3.95 -0.25 22.77
N ARG A 306 -2.71 -0.37 23.22
CA ARG A 306 -2.04 0.67 24.01
C ARG A 306 -1.09 1.50 23.13
N GLY A 307 -1.20 1.39 21.80
CA GLY A 307 -0.36 2.17 20.91
C GLY A 307 1.07 1.69 20.83
N ILE A 308 1.29 0.43 21.20
CA ILE A 308 2.64 -0.15 21.22
C ILE A 308 2.74 -1.24 20.16
N GLU A 309 3.76 -1.15 19.30
CA GLU A 309 3.94 -2.11 18.20
C GLU A 309 5.39 -2.11 17.77
N HIS A 310 5.90 -3.27 17.42
CA HIS A 310 7.35 -3.35 17.22
C HIS A 310 7.81 -3.88 15.87
N ASP A 311 6.89 -4.22 14.97
CA ASP A 311 7.24 -4.61 13.61
C ASP A 311 8.24 -3.57 13.09
N PRO A 312 9.46 -4.00 12.73
CA PRO A 312 10.44 -3.00 12.32
C PRO A 312 10.23 -2.54 10.89
N VAL A 313 10.89 -1.44 10.54
CA VAL A 313 10.92 -0.91 9.19
C VAL A 313 12.04 -1.68 8.51
N LYS A 314 11.64 -2.62 7.65
CA LYS A 314 12.60 -3.49 7.00
C LYS A 314 13.32 -2.68 5.90
N PRO A 315 14.64 -2.79 5.84
CA PRO A 315 15.39 -2.18 4.76
C PRO A 315 15.22 -2.94 3.46
N ARG A 316 14.21 -2.60 2.68
CA ARG A 316 13.96 -3.27 1.42
C ARG A 316 13.03 -2.42 0.55
N GLN A 317 13.67 -1.76 -0.41
CA GLN A 317 13.05 -0.78 -1.27
C GLN A 317 12.37 -1.42 -2.48
N LEU A 318 12.84 -2.63 -2.85
CA LEU A 318 12.35 -3.28 -4.04
C LEU A 318 11.60 -4.59 -3.77
N PRO A 319 10.61 -4.91 -4.62
CA PRO A 319 9.80 -6.14 -4.48
C PRO A 319 10.65 -7.44 -4.42
N LYS A 320 10.12 -8.49 -3.78
CA LYS A 320 10.80 -9.79 -3.62
C LYS A 320 10.29 -10.84 -4.59
N THR A 321 9.18 -10.53 -5.26
CA THR A 321 8.64 -11.36 -6.32
C THR A 321 8.17 -10.45 -7.47
N ILE A 322 8.33 -10.93 -8.70
CA ILE A 322 7.73 -10.25 -9.86
C ILE A 322 6.71 -11.20 -10.49
N GLY A 323 5.51 -10.70 -10.75
CA GLY A 323 4.42 -11.57 -11.15
C GLY A 323 3.36 -10.95 -12.05
N CYS A 324 2.82 -11.82 -12.91
CA CYS A 324 1.82 -11.44 -13.91
C CYS A 324 0.68 -12.43 -13.80
N SER A 325 -0.53 -11.92 -13.78
CA SER A 325 -1.68 -12.77 -13.71
C SER A 325 -2.74 -12.19 -14.61
N LYS A 326 -3.63 -13.07 -15.10
CA LYS A 326 -4.84 -12.59 -15.77
C LYS A 326 -6.04 -13.47 -15.50
N ASN A 327 -7.19 -12.86 -15.25
CA ASN A 327 -8.44 -13.56 -15.03
C ASN A 327 -9.23 -13.69 -16.32
N PHE A 328 -9.93 -14.82 -16.43
CA PHE A 328 -10.76 -15.14 -17.57
C PHE A 328 -12.14 -15.51 -17.07
N PRO A 329 -12.92 -14.50 -16.62
CA PRO A 329 -14.18 -14.78 -15.96
C PRO A 329 -15.23 -15.39 -16.89
N GLY A 330 -15.99 -16.36 -16.35
CA GLY A 330 -17.18 -16.91 -16.99
C GLY A 330 -16.97 -17.35 -18.44
N LYS A 331 -17.70 -16.69 -19.34
CA LYS A 331 -17.64 -16.94 -20.77
C LYS A 331 -16.23 -17.09 -21.32
N THR A 332 -15.31 -16.26 -20.83
CA THR A 332 -13.98 -16.16 -21.41
C THR A 332 -13.00 -17.22 -20.92
N ALA A 333 -13.43 -18.09 -20.02
CA ALA A 333 -12.57 -19.09 -19.44
C ALA A 333 -11.94 -19.98 -20.50
N LEU A 334 -10.69 -20.34 -20.28
CA LEU A 334 -9.89 -21.02 -21.31
C LEU A 334 -10.20 -22.53 -21.35
N ALA A 335 -10.51 -23.05 -22.53
CA ALA A 335 -11.04 -24.42 -22.67
C ALA A 335 -10.39 -25.24 -23.77
N THR A 336 -9.51 -24.62 -24.55
CA THR A 336 -8.68 -25.34 -25.47
C THR A 336 -7.27 -25.18 -24.96
N ARG A 337 -6.40 -26.06 -25.39
CA ARG A 337 -5.06 -26.08 -24.86
C ARG A 337 -4.15 -25.18 -25.65
N GLU A 338 -4.58 -24.85 -26.86
CA GLU A 338 -3.90 -23.87 -27.68
C GLU A 338 -4.15 -22.46 -27.07
N GLN A 339 -5.33 -22.31 -26.47
CA GLN A 339 -5.73 -21.10 -25.77
C GLN A 339 -4.89 -20.95 -24.50
N VAL A 340 -4.74 -22.05 -23.77
CA VAL A 340 -3.95 -22.04 -22.58
C VAL A 340 -2.49 -21.68 -22.90
N GLN A 341 -1.97 -22.25 -23.96
CA GLN A 341 -0.57 -22.04 -24.33
C GLN A 341 -0.30 -20.62 -24.78
N TRP A 342 -1.29 -20.00 -25.41
CA TRP A 342 -1.11 -18.66 -25.94
C TRP A 342 -0.99 -17.63 -24.79
N TRP A 343 -1.92 -17.65 -23.86
CA TRP A 343 -1.85 -16.76 -22.69
C TRP A 343 -0.63 -17.03 -21.80
N LEU A 344 -0.29 -18.29 -21.57
CA LEU A 344 0.97 -18.60 -20.86
C LEU A 344 2.14 -17.93 -21.55
N LEU A 345 2.08 -17.86 -22.87
CA LEU A 345 3.15 -17.19 -23.58
C LEU A 345 3.11 -15.67 -23.40
N GLN A 346 1.92 -15.09 -23.49
CA GLN A 346 1.76 -13.66 -23.33
C GLN A 346 2.29 -13.25 -21.96
N LEU A 347 1.85 -13.98 -20.93
CA LEU A 347 2.27 -13.75 -19.56
C LEU A 347 3.78 -13.89 -19.38
N ALA A 348 4.33 -14.96 -19.92
CA ALA A 348 5.73 -15.26 -19.80
C ALA A 348 6.52 -14.19 -20.54
N GLN A 349 5.89 -13.54 -21.50
CA GLN A 349 6.53 -12.44 -22.24
C GLN A 349 6.63 -11.15 -21.43
N GLU A 350 5.52 -10.72 -20.83
CA GLU A 350 5.54 -9.54 -19.94
C GLU A 350 6.52 -9.81 -18.82
N LEU A 351 6.54 -11.06 -18.36
CA LEU A 351 7.38 -11.44 -17.28
C LEU A 351 8.82 -11.35 -17.68
N GLU A 352 9.16 -11.88 -18.86
CA GLU A 352 10.54 -11.86 -19.30
C GLU A 352 11.07 -10.43 -19.30
N GLU A 353 10.27 -9.51 -19.85
CA GLU A 353 10.76 -8.14 -19.99
C GLU A 353 10.91 -7.49 -18.63
N ARG A 354 9.97 -7.74 -17.73
CA ARG A 354 10.08 -7.21 -16.38
C ARG A 354 11.32 -7.78 -15.70
N LEU A 355 11.58 -9.06 -15.92
CA LEU A 355 12.75 -9.71 -15.32
C LEU A 355 14.08 -9.22 -15.90
N THR A 356 14.11 -8.96 -17.19
CA THR A 356 15.36 -8.57 -17.85
C THR A 356 15.75 -7.19 -17.37
N LYS A 357 14.74 -6.32 -17.27
CA LYS A 357 14.90 -4.99 -16.71
C LYS A 357 15.43 -5.08 -15.28
N ASP A 358 14.96 -6.07 -14.56
CA ASP A 358 15.30 -6.23 -13.16
C ASP A 358 16.74 -6.66 -12.97
N ARG A 359 17.19 -7.63 -13.76
CA ARG A 359 18.61 -8.05 -13.69
C ARG A 359 19.56 -6.91 -14.07
N ASN A 360 19.09 -6.06 -14.97
CA ASN A 360 19.89 -4.92 -15.45
C ASN A 360 19.80 -3.70 -14.53
N ASP A 361 18.64 -3.47 -13.91
CA ASP A 361 18.43 -2.36 -12.97
C ASP A 361 18.97 -2.73 -11.58
N ASN A 362 18.48 -3.83 -11.04
CA ASN A 362 18.63 -4.12 -9.61
C ASN A 362 19.61 -5.22 -9.33
N ASP A 363 20.38 -5.60 -10.34
CA ASP A 363 21.50 -6.52 -10.18
C ASP A 363 21.15 -7.81 -9.49
N ARG A 364 20.20 -8.56 -10.04
CA ARG A 364 19.82 -9.86 -9.46
C ARG A 364 19.07 -10.78 -10.42
N VAL A 365 19.07 -12.07 -10.07
CA VAL A 365 18.41 -13.10 -10.88
C VAL A 365 17.43 -13.94 -10.05
N ALA A 366 16.24 -14.17 -10.59
CA ALA A 366 15.28 -15.08 -9.97
C ALA A 366 15.52 -16.54 -10.42
N THR A 367 15.21 -17.46 -9.51
CA THR A 367 15.63 -18.85 -9.65
C THR A 367 14.50 -19.85 -9.56
N GLN A 368 13.31 -19.37 -9.20
CA GLN A 368 12.15 -20.22 -9.03
C GLN A 368 10.97 -19.61 -9.79
N LEU A 369 10.22 -20.43 -10.48
CA LEU A 369 9.06 -19.97 -11.22
C LEU A 369 7.83 -20.57 -10.62
N VAL A 370 6.92 -19.71 -10.22
CA VAL A 370 5.65 -20.18 -9.69
C VAL A 370 4.55 -19.99 -10.75
N VAL A 371 3.85 -21.09 -11.01
CA VAL A 371 2.72 -21.18 -11.94
C VAL A 371 1.48 -21.41 -11.10
N SER A 372 0.40 -20.70 -11.38
CA SER A 372 -0.87 -20.94 -10.66
C SER A 372 -2.09 -20.74 -11.54
N ILE A 373 -3.15 -21.52 -11.28
CA ILE A 373 -4.35 -21.51 -12.10
C ILE A 373 -5.60 -21.57 -11.27
N ARG A 374 -6.74 -21.27 -11.92
CA ARG A 374 -8.06 -21.50 -11.33
C ARG A 374 -8.92 -22.24 -12.32
N VAL A 375 -9.82 -23.09 -11.80
CA VAL A 375 -10.85 -23.72 -12.62
C VAL A 375 -12.23 -23.25 -12.22
N GLN A 376 -13.16 -23.27 -13.17
CA GLN A 376 -14.56 -22.90 -12.89
C GLN A 376 -15.21 -23.87 -11.94
N GLY A 377 -15.94 -23.30 -10.98
CA GLY A 377 -16.58 -24.08 -9.89
C GLY A 377 -15.73 -24.11 -8.63
N ASP A 378 -14.84 -23.12 -8.52
CA ASP A 378 -13.92 -23.02 -7.41
C ASP A 378 -13.80 -21.56 -7.02
N LYS A 379 -14.31 -21.20 -5.86
CA LYS A 379 -14.40 -19.81 -5.43
C LYS A 379 -13.09 -19.36 -4.79
N ARG A 380 -12.30 -20.34 -4.33
CA ARG A 380 -10.96 -20.10 -3.80
C ARG A 380 -10.10 -19.24 -4.75
N LEU A 381 -9.26 -18.38 -4.18
CA LEU A 381 -8.48 -17.41 -4.97
C LEU A 381 -7.56 -18.11 -5.99
N SER A 382 -7.14 -19.32 -5.65
CA SER A 382 -6.33 -20.16 -6.52
C SER A 382 -7.05 -21.47 -6.69
N SER A 383 -6.30 -22.49 -7.03
CA SER A 383 -6.85 -23.81 -7.27
C SER A 383 -5.69 -24.80 -7.43
N LEU A 384 -4.51 -24.30 -7.82
CA LEU A 384 -3.29 -25.08 -7.80
C LEU A 384 -2.08 -24.18 -8.08
N ARG A 385 -1.13 -24.18 -7.15
CA ARG A 385 0.15 -23.51 -7.35
C ARG A 385 1.25 -24.55 -7.32
N ARG A 386 2.11 -24.52 -8.32
CA ARG A 386 3.28 -25.40 -8.33
C ARG A 386 4.49 -24.57 -8.68
N CYS A 387 5.63 -24.95 -8.11
CA CYS A 387 6.84 -24.19 -8.32
C CYS A 387 7.64 -24.92 -9.37
N CYS A 388 8.69 -24.28 -9.86
CA CYS A 388 9.36 -24.72 -11.08
C CYS A 388 10.72 -24.04 -11.11
N ALA A 389 11.70 -24.62 -11.81
CA ALA A 389 13.00 -23.96 -11.88
C ALA A 389 12.91 -22.88 -12.91
N LEU A 390 13.75 -21.87 -12.74
CA LEU A 390 13.80 -20.73 -13.62
C LEU A 390 15.26 -20.44 -13.98
N THR A 391 15.75 -21.16 -14.97
CA THR A 391 17.18 -21.20 -15.27
C THR A 391 17.59 -20.17 -16.31
N ARG A 392 16.66 -19.76 -17.17
CA ARG A 392 16.96 -18.75 -18.18
C ARG A 392 15.78 -17.81 -18.35
N TYR A 393 16.04 -16.53 -18.56
CA TYR A 393 14.96 -15.54 -18.71
C TYR A 393 14.43 -15.59 -20.15
N ASP A 394 13.90 -16.76 -20.54
CA ASP A 394 13.38 -16.98 -21.89
C ASP A 394 11.90 -17.22 -21.83
N ALA A 395 11.12 -16.37 -22.50
CA ALA A 395 9.66 -16.45 -22.42
C ALA A 395 9.08 -17.76 -22.90
N HIS A 396 9.61 -18.30 -24.00
CA HIS A 396 9.09 -19.57 -24.56
C HIS A 396 9.34 -20.75 -23.65
N LYS A 397 10.55 -20.83 -23.12
CA LYS A 397 10.89 -21.86 -22.13
C LYS A 397 10.00 -21.82 -20.89
N MET A 398 9.80 -20.61 -20.36
CA MET A 398 9.01 -20.48 -19.14
C MET A 398 7.57 -20.93 -19.35
N SER A 399 6.99 -20.50 -20.46
CA SER A 399 5.59 -20.83 -20.83
C SER A 399 5.45 -22.32 -21.16
N HIS A 400 6.49 -22.91 -21.74
CA HIS A 400 6.51 -24.34 -21.96
C HIS A 400 6.66 -25.07 -20.63
N ASP A 401 7.53 -24.59 -19.76
CA ASP A 401 7.70 -25.21 -18.45
C ASP A 401 6.45 -25.04 -17.62
N ALA A 402 5.80 -23.89 -17.72
CA ALA A 402 4.61 -23.64 -16.92
C ALA A 402 3.51 -24.60 -17.33
N PHE A 403 3.38 -24.81 -18.64
CA PHE A 403 2.43 -25.75 -19.16
C PHE A 403 2.67 -27.11 -18.55
N THR A 404 3.88 -27.61 -18.74
CA THR A 404 4.31 -28.89 -18.23
C THR A 404 3.92 -29.12 -16.79
N VAL A 405 4.15 -28.15 -15.91
CA VAL A 405 3.81 -28.34 -14.50
C VAL A 405 2.30 -28.33 -14.29
N ILE A 406 1.53 -27.87 -15.27
CA ILE A 406 0.08 -27.96 -15.15
C ILE A 406 -0.57 -28.82 -16.23
N LYS A 407 0.20 -29.34 -17.18
CA LYS A 407 -0.35 -30.15 -18.28
C LYS A 407 -1.19 -31.33 -17.77
N ASN A 408 -0.83 -31.82 -16.60
CA ASN A 408 -1.44 -32.97 -15.95
C ASN A 408 -2.72 -32.58 -15.21
N CYS A 409 -3.04 -31.30 -15.25
CA CYS A 409 -4.23 -30.83 -14.58
C CYS A 409 -5.44 -30.96 -15.47
N ASN A 410 -5.48 -32.00 -16.31
CA ASN A 410 -6.53 -32.11 -17.31
C ASN A 410 -7.52 -33.24 -17.06
N THR A 411 -8.59 -32.91 -16.33
CA THR A 411 -9.81 -33.73 -16.22
C THR A 411 -10.33 -34.20 -17.57
N SER A 412 -10.27 -33.34 -18.58
CA SER A 412 -10.83 -33.65 -19.89
C SER A 412 -10.15 -34.85 -20.52
N GLY A 413 -10.98 -35.72 -21.10
CA GLY A 413 -10.49 -36.88 -21.83
C GLY A 413 -9.95 -36.50 -23.20
N ILE A 414 -10.82 -35.91 -24.03
CA ILE A 414 -10.41 -35.39 -25.34
C ILE A 414 -9.23 -34.45 -25.16
N GLN A 415 -8.19 -34.67 -25.97
CA GLN A 415 -6.87 -34.09 -25.71
C GLN A 415 -6.65 -32.69 -26.30
N THR A 416 -7.69 -32.03 -26.80
CA THR A 416 -7.55 -30.69 -27.37
C THR A 416 -8.31 -29.66 -26.57
N GLU A 417 -9.29 -30.13 -25.82
CA GLU A 417 -10.05 -29.27 -24.95
C GLU A 417 -9.43 -29.22 -23.56
N TRP A 418 -9.91 -28.30 -22.74
CA TRP A 418 -9.45 -28.20 -21.39
C TRP A 418 -10.58 -28.38 -20.39
N SER A 419 -10.24 -29.22 -19.41
CA SER A 419 -11.09 -29.76 -18.35
C SER A 419 -12.19 -28.87 -17.73
N PRO A 420 -12.10 -28.52 -16.42
CA PRO A 420 -12.91 -27.32 -16.35
C PRO A 420 -12.16 -26.24 -17.12
N PRO A 421 -12.91 -25.40 -17.84
CA PRO A 421 -12.26 -24.19 -18.32
C PRO A 421 -11.60 -23.43 -17.15
N LEU A 422 -10.45 -22.81 -17.44
CA LEU A 422 -9.65 -22.10 -16.44
C LEU A 422 -10.05 -20.62 -16.20
N THR A 423 -10.35 -20.26 -14.97
CA THR A 423 -10.72 -18.89 -14.64
C THR A 423 -9.51 -17.96 -14.47
N MET A 424 -8.30 -18.50 -14.33
CA MET A 424 -7.14 -17.68 -13.99
C MET A 424 -5.81 -18.33 -14.36
N LEU A 425 -4.87 -17.51 -14.84
CA LEU A 425 -3.49 -17.91 -14.98
C LEU A 425 -2.59 -16.92 -14.23
N PHE A 426 -1.53 -17.44 -13.61
CA PHE A 426 -0.61 -16.63 -12.81
C PHE A 426 0.80 -17.18 -12.95
N LEU A 427 1.70 -16.34 -13.43
CA LEU A 427 3.13 -16.67 -13.45
C LEU A 427 3.84 -15.67 -12.55
N CYS A 428 4.80 -16.15 -11.75
CA CYS A 428 5.50 -15.31 -10.76
C CYS A 428 6.96 -15.74 -10.56
N ALA A 429 7.88 -14.79 -10.78
CA ALA A 429 9.29 -15.05 -10.57
C ALA A 429 9.61 -14.81 -9.11
N THR A 430 10.47 -15.65 -8.57
CA THR A 430 10.79 -15.58 -7.15
C THR A 430 12.15 -16.18 -6.80
N LYS A 431 12.49 -16.18 -5.51
CA LYS A 431 13.80 -16.63 -5.04
C LYS A 431 14.94 -15.95 -5.77
N PHE A 432 15.06 -14.65 -5.58
CA PHE A 432 16.10 -13.86 -6.19
C PHE A 432 17.45 -14.06 -5.52
N SER A 433 18.50 -13.78 -6.30
CA SER A 433 19.88 -13.96 -5.86
C SER A 433 20.71 -12.91 -6.54
N ALA A 434 21.83 -12.54 -5.91
CA ALA A 434 22.65 -11.42 -6.41
C ALA A 434 23.30 -11.75 -7.76
N SER A 435 23.29 -10.74 -8.65
CA SER A 435 24.00 -10.84 -9.92
C SER A 435 24.78 -9.54 -10.10
C1 5EJ B 5 -7.48 -9.69 -6.14
C2 5EJ B 5 -4.87 -6.69 -8.76
P 5EJ B 5 -6.83 -9.14 -14.83
OP1 5EJ B 5 -6.39 -9.04 -16.25
O5' 5EJ B 5 -5.77 -8.54 -13.85
C5' 5EJ B 5 -5.29 -7.24 -14.23
C4' 5EJ B 5 -4.13 -6.79 -13.35
C3' 5EJ B 5 -3.17 -7.94 -13.16
O3' 5EJ B 5 -1.89 -7.40 -13.40
C2' 5EJ B 5 -3.43 -8.42 -11.76
C1' 5EJ B 5 -3.93 -7.17 -11.05
O4' 5EJ B 5 -4.63 -6.44 -12.07
N1 5EJ B 5 -4.83 -7.49 -9.95
C6 5EJ B 5 -5.61 -8.57 -10.08
C5 5EJ B 5 -6.46 -8.96 -9.06
C7 5EJ B 5 -7.29 -10.21 -9.31
C4 5EJ B 5 -6.51 -8.12 -7.82
N3 5EJ B 5 -5.72 -7.02 -7.74
O2 5EJ B 5 -4.16 -5.64 -8.63
O4 5EJ B 5 -7.32 -8.38 -6.75
OP2 5EJ B 5 -7.21 -10.52 -14.44
C3 5EJ B 5 -8.96 -10.05 -6.11
N1 DCP D . -4.62 0.09 -6.71
C2 DCP D . -5.28 -0.87 -7.51
N3 DCP D . -6.21 -1.72 -6.93
C4 DCP D . -6.57 -1.62 -5.59
C5 DCP D . -5.95 -0.64 -4.82
C6 DCP D . -4.97 0.23 -5.39
O2 DCP D . -4.99 -0.97 -8.73
N4 DCP D . -7.51 -2.45 -5.03
C1' DCP D . -3.64 1.00 -7.32
C2' DCP D . -4.42 2.23 -7.72
C3' DCP D . -4.08 3.21 -6.62
C4' DCP D . -2.73 2.83 -6.09
O4' DCP D . -2.62 1.42 -6.37
O3' DCP D . -4.01 4.54 -7.09
C5' DCP D . -2.59 3.16 -4.61
O5' DCP D . -3.66 2.56 -3.87
PA DCP D . -4.29 3.29 -2.61
O1A DCP D . -5.15 2.26 -1.92
O2A DCP D . -3.27 4.08 -1.80
O3A DCP D . -5.31 4.42 -3.13
PB DCP D . -5.01 5.77 -3.95
O1B DCP D . -5.64 5.55 -5.32
O2B DCP D . -3.55 6.14 -3.93
O3B DCP D . -5.95 6.85 -3.21
PG DCP D . -5.74 7.37 -1.70
O1G DCP D . -7.06 7.01 -1.07
O2G DCP D . -4.63 6.55 -1.14
O3G DCP D . -5.44 8.88 -1.87
CA CA E . -2.54 6.26 -1.85
CA CA F . -1.46 3.24 -0.62
#